data_2NM2
#
_entry.id   2NM2
#
_cell.length_a   60.033
_cell.length_b   60.033
_cell.length_c   123.057
_cell.angle_alpha   90.00
_cell.angle_beta   90.00
_cell.angle_gamma   90.00
#
_symmetry.space_group_name_H-M   'P 42'
#
loop_
_entity.id
_entity.type
_entity.pdbx_description
1 polymer 'Dihydroneopterin aldolase'
2 non-polymer L-NEOPTERIN
3 water water
#
_entity_poly.entity_id   1
_entity_poly.type   'polypeptide(L)'
_entity_poly.pdbx_seq_one_letter_code
;MQDTIFLKGMRFYGYHGALSAENEIGQIFKVDVTLKVDLSEAGRTDNVIDTVHYGEVFEEVKSIMEGKAVNLLEHLAERI
ANRINSQYNRVMETKVRITKENPPIPGHYDGVGIEIVRENK
;
_entity_poly.pdbx_strand_id   A,B,C,D
#
# COMPACT_ATOMS: atom_id res chain seq x y z
N MET A 1 15.84 -29.39 -13.46
CA MET A 1 14.38 -29.15 -13.61
C MET A 1 14.15 -27.70 -13.20
N GLN A 2 14.09 -26.81 -14.19
CA GLN A 2 13.93 -25.40 -13.92
C GLN A 2 12.53 -24.85 -14.22
N ASP A 3 11.52 -25.72 -14.29
CA ASP A 3 10.15 -25.27 -14.58
C ASP A 3 9.44 -24.82 -13.31
N THR A 4 8.39 -24.00 -13.48
CA THR A 4 7.62 -23.52 -12.34
C THR A 4 6.18 -23.17 -12.71
N ILE A 5 5.35 -23.10 -11.69
CA ILE A 5 3.96 -22.70 -11.80
C ILE A 5 3.83 -21.62 -10.75
N PHE A 6 3.39 -20.42 -11.11
CA PHE A 6 3.32 -19.34 -10.16
C PHE A 6 1.96 -18.73 -9.95
N LEU A 7 1.86 -17.96 -8.89
CA LEU A 7 0.65 -17.22 -8.56
C LEU A 7 1.20 -16.03 -7.81
N LYS A 8 0.99 -14.84 -8.36
CA LYS A 8 1.52 -13.64 -7.73
C LYS A 8 0.50 -12.59 -7.33
N GLY A 9 0.90 -11.79 -6.34
CA GLY A 9 0.09 -10.71 -5.83
C GLY A 9 -1.17 -11.13 -5.11
N MET A 10 -1.27 -12.37 -4.70
CA MET A 10 -2.46 -12.79 -3.99
C MET A 10 -2.65 -11.91 -2.78
N ARG A 11 -3.71 -11.12 -2.81
CA ARG A 11 -4.02 -10.21 -1.72
C ARG A 11 -5.10 -10.81 -0.82
N PHE A 12 -4.77 -10.92 0.46
CA PHE A 12 -5.70 -11.47 1.44
C PHE A 12 -5.70 -10.52 2.63
N TYR A 13 -6.87 -10.29 3.20
CA TYR A 13 -6.99 -9.40 4.36
C TYR A 13 -7.03 -10.23 5.64
N GLY A 14 -5.86 -10.54 6.18
CA GLY A 14 -5.77 -11.34 7.39
C GLY A 14 -5.46 -10.50 8.61
N TYR A 15 -5.85 -10.99 9.78
CA TYR A 15 -5.62 -10.30 11.03
C TYR A 15 -4.43 -10.90 11.75
N HIS A 16 -3.43 -11.31 11.00
CA HIS A 16 -2.25 -11.90 11.58
C HIS A 16 -1.39 -10.77 12.15
N GLY A 17 -0.23 -11.13 12.69
CA GLY A 17 0.66 -10.13 13.26
C GLY A 17 0.94 -10.34 14.73
N ALA A 18 2.18 -10.03 15.13
CA ALA A 18 2.62 -10.19 16.52
C ALA A 18 1.85 -9.32 17.51
N LEU A 19 1.68 -8.05 17.17
CA LEU A 19 0.97 -7.09 18.00
C LEU A 19 -0.52 -7.43 18.16
N SER A 20 -1.13 -6.90 19.22
CA SER A 20 -2.55 -7.12 19.49
C SER A 20 -3.47 -6.28 18.59
N ALA A 21 -3.03 -5.07 18.26
CA ALA A 21 -3.82 -4.19 17.41
C ALA A 21 -3.94 -4.73 15.98
N GLU A 22 -2.88 -5.35 15.49
CA GLU A 22 -2.90 -5.89 14.13
C GLU A 22 -4.06 -6.86 13.97
N ASN A 23 -4.06 -7.93 14.73
CA ASN A 23 -5.14 -8.93 14.67
C ASN A 23 -6.46 -8.31 15.13
N GLU A 24 -6.39 -7.05 15.55
CA GLU A 24 -7.54 -6.31 16.04
C GLU A 24 -8.18 -5.49 14.91
N ILE A 25 -7.33 -5.01 14.00
CA ILE A 25 -7.78 -4.21 12.86
C ILE A 25 -7.45 -4.90 11.53
N GLY A 26 -6.41 -5.73 11.55
CA GLY A 26 -6.00 -6.45 10.36
C GLY A 26 -5.40 -5.59 9.28
N GLN A 27 -4.88 -6.23 8.24
CA GLN A 27 -4.29 -5.50 7.13
C GLN A 27 -4.12 -6.45 5.95
N ILE A 28 -3.58 -5.94 4.85
CA ILE A 28 -3.39 -6.73 3.64
C ILE A 28 -2.06 -7.47 3.63
N PHE A 29 -2.10 -8.74 3.25
CA PHE A 29 -0.90 -9.58 3.14
C PHE A 29 -0.81 -9.95 1.68
N LYS A 30 0.36 -9.78 1.06
CA LYS A 30 0.47 -10.10 -0.37
C LYS A 30 1.27 -11.35 -0.68
N VAL A 31 0.57 -12.47 -0.82
CA VAL A 31 1.21 -13.75 -1.09
C VAL A 31 1.59 -14.03 -2.55
N ASP A 32 2.83 -14.49 -2.72
CA ASP A 32 3.36 -14.90 -4.03
C ASP A 32 3.77 -16.36 -3.88
N VAL A 33 3.04 -17.26 -4.52
CA VAL A 33 3.38 -18.67 -4.41
C VAL A 33 3.95 -19.23 -5.70
N THR A 34 5.17 -19.73 -5.63
CA THR A 34 5.81 -20.30 -6.80
C THR A 34 6.10 -21.79 -6.52
N LEU A 35 5.54 -22.66 -7.36
CA LEU A 35 5.72 -24.10 -7.21
C LEU A 35 6.62 -24.60 -8.33
N LYS A 36 7.59 -25.44 -8.01
CA LYS A 36 8.49 -25.99 -9.03
C LYS A 36 8.05 -27.40 -9.42
N VAL A 37 7.53 -27.55 -10.64
CA VAL A 37 7.01 -28.84 -11.10
C VAL A 37 7.19 -29.08 -12.60
N ASP A 38 7.64 -30.27 -12.98
CA ASP A 38 7.82 -30.61 -14.39
C ASP A 38 6.52 -30.36 -15.14
N LEU A 39 6.59 -29.62 -16.25
CA LEU A 39 5.40 -29.33 -17.03
C LEU A 39 5.42 -30.01 -18.39
N SER A 40 6.48 -30.76 -18.66
CA SER A 40 6.65 -31.44 -19.95
C SER A 40 5.48 -32.35 -20.31
N GLU A 41 5.12 -33.20 -19.37
CA GLU A 41 4.00 -34.13 -19.55
C GLU A 41 2.75 -33.32 -19.84
N ALA A 42 2.40 -32.45 -18.89
CA ALA A 42 1.23 -31.58 -18.99
C ALA A 42 1.14 -30.86 -20.33
N GLY A 43 2.24 -30.22 -20.72
CA GLY A 43 2.27 -29.52 -21.99
C GLY A 43 2.22 -30.48 -23.15
N ARG A 44 2.86 -31.63 -22.99
CA ARG A 44 2.84 -32.69 -24.00
C ARG A 44 1.40 -33.18 -24.24
N THR A 45 0.67 -33.43 -23.17
CA THR A 45 -0.70 -33.90 -23.27
C THR A 45 -1.67 -32.76 -23.39
N ASP A 46 -1.77 -32.07 -22.28
CA ASP A 46 -2.67 -30.93 -22.09
C ASP A 46 -3.87 -31.31 -21.23
N ASN A 47 -3.65 -31.84 -19.99
CA ASN A 47 -4.72 -32.22 -19.03
C ASN A 47 -4.19 -32.01 -17.61
N VAL A 48 -4.95 -31.26 -16.83
CA VAL A 48 -4.56 -30.89 -15.46
C VAL A 48 -4.02 -32.05 -14.63
N ILE A 49 -4.52 -33.26 -14.91
CA ILE A 49 -4.10 -34.47 -14.20
C ILE A 49 -2.59 -34.67 -14.39
N ASP A 50 -2.01 -33.83 -15.24
CA ASP A 50 -0.58 -33.90 -15.54
C ASP A 50 0.16 -32.76 -14.87
N THR A 51 -0.60 -31.80 -14.35
CA THR A 51 -0.02 -30.64 -13.69
C THR A 51 -0.70 -30.41 -12.34
N VAL A 52 -0.68 -29.16 -11.88
CA VAL A 52 -1.30 -28.81 -10.60
C VAL A 52 -2.25 -27.64 -10.81
N HIS A 53 -3.55 -27.89 -10.59
CA HIS A 53 -4.59 -26.87 -10.68
C HIS A 53 -4.14 -25.65 -9.89
N TYR A 54 -3.59 -24.64 -10.54
CA TYR A 54 -3.13 -23.50 -9.77
C TYR A 54 -4.32 -22.75 -9.13
N GLY A 55 -5.52 -22.99 -9.65
CA GLY A 55 -6.71 -22.37 -9.09
C GLY A 55 -6.96 -22.98 -7.71
N GLU A 56 -6.61 -24.27 -7.61
CA GLU A 56 -6.76 -25.03 -6.38
C GLU A 56 -5.83 -24.42 -5.36
N VAL A 57 -4.57 -24.27 -5.78
CA VAL A 57 -3.51 -23.71 -4.95
C VAL A 57 -3.95 -22.39 -4.28
N PHE A 58 -4.69 -21.57 -5.02
CA PHE A 58 -5.17 -20.31 -4.47
C PHE A 58 -5.91 -20.67 -3.20
N GLU A 59 -7.05 -21.34 -3.37
CA GLU A 59 -7.91 -21.77 -2.27
C GLU A 59 -7.16 -22.42 -1.13
N GLU A 60 -6.03 -23.01 -1.46
CA GLU A 60 -5.18 -23.68 -0.48
C GLU A 60 -4.37 -22.64 0.28
N VAL A 61 -3.77 -21.71 -0.45
CA VAL A 61 -2.97 -20.63 0.13
C VAL A 61 -3.92 -19.65 0.84
N LYS A 62 -5.10 -19.49 0.26
CA LYS A 62 -6.13 -18.62 0.76
C LYS A 62 -6.79 -19.14 2.03
N SER A 63 -6.77 -20.45 2.23
CA SER A 63 -7.37 -21.04 3.42
C SER A 63 -6.40 -20.91 4.58
N ILE A 64 -5.27 -20.27 4.31
CA ILE A 64 -4.26 -20.05 5.34
C ILE A 64 -4.18 -18.58 5.74
N MET A 65 -4.49 -17.67 4.81
CA MET A 65 -4.44 -16.25 5.11
C MET A 65 -5.75 -15.72 5.70
N GLU A 66 -6.87 -16.27 5.24
CA GLU A 66 -8.17 -15.85 5.78
C GLU A 66 -8.50 -16.78 6.96
N GLY A 67 -7.65 -17.77 7.17
CA GLY A 67 -7.87 -18.72 8.24
C GLY A 67 -7.57 -18.15 9.61
N LYS A 68 -7.02 -19.00 10.46
CA LYS A 68 -6.68 -18.65 11.83
C LYS A 68 -5.49 -17.68 11.94
N ALA A 69 -5.71 -16.56 12.63
CA ALA A 69 -4.64 -15.58 12.80
C ALA A 69 -3.45 -16.24 13.49
N VAL A 70 -2.32 -15.55 13.50
CA VAL A 70 -1.11 -16.06 14.12
C VAL A 70 -0.13 -14.91 14.27
N ASN A 71 1.06 -15.23 14.76
CA ASN A 71 2.10 -14.23 14.99
C ASN A 71 3.04 -13.97 13.82
N LEU A 72 3.96 -14.92 13.62
CA LEU A 72 4.98 -14.86 12.58
C LEU A 72 4.45 -15.07 11.16
N LEU A 73 4.94 -14.27 10.22
CA LEU A 73 4.52 -14.42 8.83
C LEU A 73 5.10 -15.73 8.31
N GLU A 74 6.24 -16.10 8.87
CA GLU A 74 6.91 -17.34 8.49
C GLU A 74 5.96 -18.50 8.72
N HIS A 75 5.11 -18.34 9.73
CA HIS A 75 4.10 -19.34 10.06
C HIS A 75 3.23 -19.47 8.82
N LEU A 76 2.55 -18.36 8.51
CA LEU A 76 1.66 -18.23 7.36
C LEU A 76 2.28 -18.79 6.09
N ALA A 77 3.60 -18.69 5.98
CA ALA A 77 4.31 -19.21 4.81
C ALA A 77 4.45 -20.70 4.96
N GLU A 78 4.80 -21.12 6.18
CA GLU A 78 4.97 -22.53 6.47
C GLU A 78 3.67 -23.29 6.32
N ARG A 79 2.60 -22.72 6.87
CA ARG A 79 1.29 -23.33 6.78
C ARG A 79 0.90 -23.54 5.32
N ILE A 80 1.16 -22.55 4.48
CA ILE A 80 0.85 -22.65 3.05
C ILE A 80 1.90 -23.55 2.37
N ALA A 81 3.15 -23.36 2.78
CA ALA A 81 4.27 -24.13 2.24
C ALA A 81 4.04 -25.62 2.44
N ASN A 82 3.53 -25.98 3.61
CA ASN A 82 3.25 -27.38 3.95
C ASN A 82 1.99 -27.88 3.23
N ARG A 83 0.88 -27.18 3.43
CA ARG A 83 -0.38 -27.58 2.82
C ARG A 83 -0.26 -27.89 1.32
N ILE A 84 0.49 -27.06 0.60
CA ILE A 84 0.68 -27.24 -0.83
C ILE A 84 1.64 -28.37 -1.14
N ASN A 85 2.68 -28.49 -0.32
CA ASN A 85 3.67 -29.54 -0.50
C ASN A 85 3.03 -30.90 -0.36
N SER A 86 2.29 -31.07 0.72
CA SER A 86 1.61 -32.32 1.03
C SER A 86 0.61 -32.76 0.00
N GLN A 87 -0.48 -32.00 -0.12
CA GLN A 87 -1.54 -32.36 -1.06
C GLN A 87 -1.11 -32.56 -2.51
N TYR A 88 0.17 -32.34 -2.81
CA TYR A 88 0.69 -32.51 -4.16
C TYR A 88 2.15 -33.00 -4.10
N ASN A 89 2.41 -34.23 -4.54
CA ASN A 89 3.78 -34.76 -4.50
C ASN A 89 4.52 -34.37 -5.79
N ARG A 90 3.77 -33.94 -6.79
CA ARG A 90 4.32 -33.55 -8.07
C ARG A 90 5.11 -32.26 -7.86
N VAL A 91 4.73 -31.52 -6.84
CA VAL A 91 5.37 -30.26 -6.49
C VAL A 91 6.75 -30.49 -5.92
N MET A 92 7.77 -30.32 -6.74
CA MET A 92 9.14 -30.52 -6.28
C MET A 92 9.52 -29.46 -5.25
N GLU A 93 9.42 -28.20 -5.64
CA GLU A 93 9.76 -27.08 -4.75
C GLU A 93 8.59 -26.11 -4.57
N THR A 94 8.52 -25.49 -3.40
CA THR A 94 7.45 -24.54 -3.09
C THR A 94 8.04 -23.25 -2.53
N LYS A 95 7.68 -22.14 -3.15
CA LYS A 95 8.13 -20.82 -2.74
C LYS A 95 6.96 -19.99 -2.24
N VAL A 96 6.87 -19.81 -0.93
CA VAL A 96 5.79 -19.02 -0.37
C VAL A 96 6.37 -17.69 0.10
N ARG A 97 5.84 -16.59 -0.42
CA ARG A 97 6.33 -15.27 -0.05
C ARG A 97 5.14 -14.44 0.41
N ILE A 98 5.30 -13.74 1.53
CA ILE A 98 4.23 -12.93 2.07
C ILE A 98 4.74 -11.54 2.44
N THR A 99 4.11 -10.53 1.84
CA THR A 99 4.51 -9.14 2.05
C THR A 99 3.52 -8.32 2.85
N LYS A 100 4.05 -7.40 3.64
CA LYS A 100 3.22 -6.50 4.43
C LYS A 100 3.69 -5.08 4.12
N GLU A 101 2.99 -4.41 3.20
CA GLU A 101 3.32 -3.02 2.83
C GLU A 101 2.86 -2.10 3.97
N ASN A 102 1.96 -2.61 4.81
CA ASN A 102 1.38 -1.81 5.88
C ASN A 102 1.60 -2.25 7.34
N PRO A 103 2.77 -2.80 7.68
CA PRO A 103 2.96 -3.21 9.07
C PRO A 103 3.16 -1.97 9.94
N PRO A 104 2.87 -2.05 11.23
CA PRO A 104 3.07 -0.85 12.03
C PRO A 104 4.55 -0.55 12.24
N ILE A 105 5.11 0.27 11.36
CA ILE A 105 6.51 0.64 11.43
C ILE A 105 6.71 2.04 10.86
N PRO A 106 7.03 3.01 11.73
CA PRO A 106 7.25 4.40 11.32
C PRO A 106 8.25 4.47 10.18
N GLY A 107 7.77 4.81 9.00
CA GLY A 107 8.69 4.91 7.88
C GLY A 107 8.08 4.63 6.52
N HIS A 108 8.78 5.10 5.49
CA HIS A 108 8.35 4.89 4.11
C HIS A 108 9.16 3.73 3.55
N TYR A 109 8.45 2.84 2.87
CA TYR A 109 9.05 1.67 2.29
C TYR A 109 7.90 1.06 1.54
N ASP A 110 8.20 0.31 0.49
CA ASP A 110 7.15 -0.28 -0.30
C ASP A 110 6.56 -1.58 0.21
N GLY A 111 7.24 -2.23 1.14
CA GLY A 111 6.71 -3.48 1.65
C GLY A 111 7.78 -4.36 2.23
N VAL A 112 7.38 -5.25 3.12
CA VAL A 112 8.33 -6.14 3.76
C VAL A 112 7.69 -7.44 4.17
N GLY A 113 8.55 -8.41 4.48
CA GLY A 113 8.09 -9.72 4.89
C GLY A 113 9.26 -10.65 4.76
N ILE A 114 8.97 -11.91 4.49
CA ILE A 114 10.02 -12.90 4.34
C ILE A 114 9.70 -13.80 3.17
N GLU A 115 10.67 -14.59 2.77
CA GLU A 115 10.48 -15.54 1.68
C GLU A 115 11.11 -16.86 2.12
N ILE A 116 10.46 -17.98 1.81
CA ILE A 116 11.02 -19.26 2.17
C ILE A 116 10.86 -20.22 1.02
N VAL A 117 11.85 -21.10 0.85
CA VAL A 117 11.85 -22.09 -0.21
C VAL A 117 11.84 -23.48 0.41
N ARG A 118 10.87 -24.27 -0.02
CA ARG A 118 10.67 -25.62 0.48
C ARG A 118 10.73 -26.64 -0.66
N GLU A 119 11.18 -27.84 -0.34
CA GLU A 119 11.23 -28.91 -1.32
C GLU A 119 10.22 -29.95 -0.87
N ASN A 120 9.97 -30.97 -1.69
CA ASN A 120 9.01 -31.99 -1.33
C ASN A 120 9.71 -33.13 -0.60
N LYS A 121 9.00 -33.71 0.36
CA LYS A 121 9.51 -34.82 1.15
C LYS A 121 8.50 -35.98 1.10
N MET B 1 18.95 -24.65 0.13
CA MET B 1 18.87 -23.56 1.14
C MET B 1 18.69 -22.22 0.44
N GLN B 2 17.44 -21.78 0.31
CA GLN B 2 17.17 -20.50 -0.33
C GLN B 2 16.06 -19.65 0.25
N ASP B 3 15.88 -19.73 1.58
CA ASP B 3 14.88 -18.92 2.29
C ASP B 3 15.52 -17.53 2.35
N THR B 4 14.71 -16.47 2.36
CA THR B 4 15.25 -15.12 2.43
C THR B 4 14.36 -14.07 3.08
N ILE B 5 14.88 -13.40 4.10
CA ILE B 5 14.15 -12.30 4.73
C ILE B 5 14.37 -11.08 3.87
N PHE B 6 13.29 -10.41 3.47
CA PHE B 6 13.41 -9.25 2.59
C PHE B 6 12.84 -7.94 3.16
N LEU B 7 13.52 -6.86 2.78
CA LEU B 7 13.17 -5.49 3.10
C LEU B 7 13.36 -4.76 1.77
N LYS B 8 12.29 -4.67 0.97
CA LYS B 8 12.47 -4.04 -0.33
C LYS B 8 11.79 -2.69 -0.52
N GLY B 9 12.55 -1.74 -1.06
CA GLY B 9 11.99 -0.44 -1.33
C GLY B 9 12.09 0.60 -0.23
N MET B 10 12.88 0.29 0.80
CA MET B 10 13.09 1.21 1.91
C MET B 10 13.72 2.43 1.28
N ARG B 11 13.05 3.56 1.41
CA ARG B 11 13.56 4.79 0.85
C ARG B 11 13.75 5.80 1.98
N PHE B 12 14.94 6.36 2.05
CA PHE B 12 15.28 7.33 3.09
C PHE B 12 15.76 8.60 2.42
N TYR B 13 15.98 9.66 3.19
CA TYR B 13 16.47 10.93 2.66
C TYR B 13 17.88 11.15 3.21
N GLY B 14 18.88 10.88 2.38
CA GLY B 14 20.26 11.02 2.80
C GLY B 14 21.02 12.07 2.04
N TYR B 15 22.03 12.65 2.70
CA TYR B 15 22.85 13.69 2.09
C TYR B 15 24.17 13.10 1.66
N HIS B 16 24.18 11.80 1.43
CA HIS B 16 25.39 11.13 1.01
C HIS B 16 25.65 11.46 -0.45
N GLY B 17 26.91 11.39 -0.85
CA GLY B 17 27.28 11.69 -2.22
C GLY B 17 28.71 12.17 -2.24
N ALA B 18 29.38 11.99 -3.37
CA ALA B 18 30.78 12.41 -3.50
C ALA B 18 30.89 13.89 -3.86
N LEU B 19 29.75 14.48 -4.19
CA LEU B 19 29.67 15.89 -4.55
C LEU B 19 29.61 16.70 -3.28
N SER B 20 29.68 18.02 -3.42
CA SER B 20 29.60 18.89 -2.25
C SER B 20 28.16 19.34 -2.11
N ALA B 21 27.53 19.69 -3.24
CA ALA B 21 26.14 20.16 -3.26
C ALA B 21 25.20 19.04 -2.81
N GLU B 22 25.55 17.79 -3.15
CA GLU B 22 24.74 16.66 -2.74
C GLU B 22 24.71 16.61 -1.21
N ASN B 23 25.90 16.49 -0.61
CA ASN B 23 26.04 16.44 0.85
C ASN B 23 25.45 17.68 1.50
N GLU B 24 24.82 18.51 0.68
CA GLU B 24 24.22 19.74 1.15
C GLU B 24 22.72 19.55 1.08
N ILE B 25 22.26 19.25 -0.13
CA ILE B 25 20.86 19.05 -0.47
C ILE B 25 20.28 17.68 -0.12
N GLY B 26 21.09 16.64 -0.24
CA GLY B 26 20.60 15.31 0.04
C GLY B 26 19.62 14.87 -1.03
N GLN B 27 19.02 13.69 -0.84
CA GLN B 27 18.06 13.14 -1.79
C GLN B 27 17.60 11.78 -1.28
N ILE B 28 16.42 11.34 -1.72
CA ILE B 28 15.90 10.05 -1.31
C ILE B 28 16.90 8.95 -1.67
N PHE B 29 17.04 7.97 -0.80
CA PHE B 29 17.97 6.86 -1.00
C PHE B 29 17.24 5.52 -0.89
N LYS B 30 17.05 4.86 -2.02
CA LYS B 30 16.37 3.58 -2.04
C LYS B 30 17.31 2.46 -1.61
N VAL B 31 16.81 1.56 -0.77
CA VAL B 31 17.62 0.44 -0.27
C VAL B 31 16.87 -0.89 -0.15
N ASP B 32 17.33 -1.89 -0.90
CA ASP B 32 16.76 -3.23 -0.85
C ASP B 32 17.74 -4.14 -0.12
N VAL B 33 17.24 -4.89 0.85
CA VAL B 33 18.09 -5.79 1.60
C VAL B 33 17.44 -7.15 1.82
N THR B 34 18.08 -8.18 1.26
CA THR B 34 17.61 -9.54 1.41
C THR B 34 18.65 -10.26 2.25
N LEU B 35 18.19 -10.97 3.28
CA LEU B 35 19.08 -11.68 4.19
C LEU B 35 18.97 -13.20 4.13
N LYS B 36 20.07 -13.86 3.78
CA LYS B 36 20.07 -15.31 3.68
C LYS B 36 19.91 -15.95 5.06
N VAL B 37 18.66 -16.27 5.42
CA VAL B 37 18.35 -16.87 6.71
C VAL B 37 17.48 -18.09 6.43
N ASP B 38 17.55 -19.12 7.28
CA ASP B 38 16.69 -20.29 7.07
C ASP B 38 15.46 -20.22 7.94
N LEU B 39 14.30 -20.16 7.28
CA LEU B 39 13.06 -20.06 8.01
C LEU B 39 12.34 -21.39 8.18
N SER B 40 13.11 -22.46 8.22
CA SER B 40 12.52 -23.79 8.37
C SER B 40 12.11 -23.99 9.83
N GLU B 41 12.94 -23.48 10.72
CA GLU B 41 12.69 -23.59 12.16
C GLU B 41 11.61 -22.56 12.48
N ALA B 42 11.89 -21.32 12.12
CA ALA B 42 10.95 -20.24 12.33
C ALA B 42 9.60 -20.75 11.83
N GLY B 43 9.60 -21.29 10.62
CA GLY B 43 8.38 -21.81 10.03
C GLY B 43 7.74 -22.95 10.78
N ARG B 44 8.56 -23.83 11.36
CA ARG B 44 8.06 -24.97 12.10
C ARG B 44 7.46 -24.55 13.44
N THR B 45 8.18 -23.70 14.16
CA THR B 45 7.75 -23.24 15.47
C THR B 45 6.71 -22.13 15.41
N ASP B 46 7.10 -21.00 14.81
CA ASP B 46 6.26 -19.81 14.68
C ASP B 46 6.69 -18.84 15.80
N ASN B 47 7.96 -18.92 16.16
CA ASN B 47 8.50 -18.07 17.22
C ASN B 47 9.71 -17.23 16.74
N VAL B 48 9.80 -16.00 17.22
CA VAL B 48 10.88 -15.08 16.84
C VAL B 48 12.26 -15.70 17.01
N ILE B 49 12.44 -16.37 18.15
CA ILE B 49 13.70 -17.02 18.49
C ILE B 49 14.23 -17.89 17.35
N ASP B 50 13.41 -18.06 16.32
CA ASP B 50 13.80 -18.90 15.19
C ASP B 50 14.19 -18.10 13.94
N THR B 51 14.21 -16.77 14.07
CA THR B 51 14.56 -15.93 12.93
C THR B 51 15.00 -14.52 13.35
N VAL B 52 15.05 -13.64 12.34
CA VAL B 52 15.44 -12.24 12.50
C VAL B 52 14.20 -11.35 12.34
N HIS B 53 13.98 -10.49 13.34
CA HIS B 53 12.85 -9.57 13.31
C HIS B 53 13.12 -8.59 12.18
N TYR B 54 12.26 -8.53 11.17
CA TYR B 54 12.52 -7.58 10.10
C TYR B 54 12.37 -6.14 10.56
N GLY B 55 11.86 -5.93 11.76
CA GLY B 55 11.73 -4.57 12.24
C GLY B 55 13.07 -4.07 12.76
N GLU B 56 13.79 -4.94 13.46
CA GLU B 56 15.10 -4.59 14.01
C GLU B 56 16.04 -4.32 12.84
N VAL B 57 15.99 -5.22 11.84
CA VAL B 57 16.83 -5.10 10.65
C VAL B 57 16.52 -3.79 9.95
N PHE B 58 15.25 -3.38 10.01
CA PHE B 58 14.84 -2.14 9.38
C PHE B 58 15.60 -0.98 10.02
N GLU B 59 15.50 -0.89 11.33
CA GLU B 59 16.14 0.18 12.10
C GLU B 59 17.64 0.24 11.87
N GLU B 60 18.30 -0.92 11.87
CA GLU B 60 19.74 -0.96 11.61
C GLU B 60 20.02 -0.35 10.24
N VAL B 61 19.19 -0.69 9.26
CA VAL B 61 19.35 -0.14 7.93
C VAL B 61 19.16 1.36 8.08
N LYS B 62 18.17 1.71 8.90
CA LYS B 62 17.81 3.09 9.17
C LYS B 62 18.91 3.91 9.81
N SER B 63 19.58 3.32 10.80
CA SER B 63 20.67 4.01 11.48
C SER B 63 21.73 4.50 10.50
N ILE B 64 22.21 3.59 9.67
CA ILE B 64 23.25 3.89 8.69
C ILE B 64 22.83 4.86 7.58
N MET B 65 21.58 4.73 7.13
CA MET B 65 21.11 5.56 6.04
C MET B 65 20.95 7.04 6.35
N GLU B 66 20.48 7.37 7.53
CA GLU B 66 20.30 8.77 7.84
C GLU B 66 21.41 9.21 8.76
N GLY B 67 22.34 8.29 9.02
CA GLY B 67 23.48 8.59 9.86
C GLY B 67 24.37 9.65 9.22
N LYS B 68 25.65 9.66 9.56
CA LYS B 68 26.54 10.66 8.97
C LYS B 68 26.59 10.47 7.48
N ALA B 69 26.92 11.53 6.75
CA ALA B 69 27.01 11.46 5.30
C ALA B 69 28.22 10.64 4.89
N VAL B 70 28.10 9.94 3.77
CA VAL B 70 29.21 9.15 3.27
C VAL B 70 29.43 9.64 1.86
N ASN B 71 30.36 9.00 1.15
CA ASN B 71 30.65 9.41 -0.21
C ASN B 71 30.03 8.47 -1.24
N LEU B 72 30.37 7.19 -1.15
CA LEU B 72 29.83 6.18 -2.08
C LEU B 72 28.67 5.40 -1.48
N LEU B 73 28.05 4.58 -2.32
CA LEU B 73 26.95 3.75 -1.87
C LEU B 73 27.59 2.52 -1.30
N GLU B 74 28.84 2.29 -1.70
CA GLU B 74 29.59 1.14 -1.24
C GLU B 74 29.74 1.29 0.25
N HIS B 75 29.91 2.53 0.68
CA HIS B 75 30.06 2.82 2.11
C HIS B 75 28.79 2.41 2.82
N LEU B 76 27.69 3.06 2.48
CA LEU B 76 26.41 2.77 3.09
C LEU B 76 26.02 1.29 3.08
N ALA B 77 26.34 0.58 2.01
CA ALA B 77 25.98 -0.85 1.91
C ALA B 77 26.92 -1.76 2.69
N GLU B 78 28.20 -1.44 2.67
CA GLU B 78 29.19 -2.23 3.38
C GLU B 78 28.98 -2.04 4.88
N ARG B 79 28.40 -0.90 5.27
CA ARG B 79 28.12 -0.63 6.67
C ARG B 79 26.83 -1.30 7.12
N ILE B 80 25.89 -1.47 6.19
CA ILE B 80 24.63 -2.12 6.54
C ILE B 80 24.93 -3.62 6.58
N ALA B 81 25.68 -4.08 5.59
CA ALA B 81 26.03 -5.49 5.50
C ALA B 81 26.77 -5.98 6.75
N ASN B 82 27.72 -5.20 7.27
CA ASN B 82 28.44 -5.60 8.45
C ASN B 82 27.72 -5.26 9.74
N ARG B 83 26.61 -4.55 9.63
CA ARG B 83 25.82 -4.23 10.81
C ARG B 83 24.81 -5.36 10.94
N ILE B 84 24.48 -5.97 9.80
CA ILE B 84 23.53 -7.08 9.74
C ILE B 84 24.19 -8.44 10.02
N ASN B 85 25.36 -8.66 9.42
CA ASN B 85 26.06 -9.93 9.61
C ASN B 85 26.83 -10.03 10.93
N SER B 86 27.01 -8.91 11.62
CA SER B 86 27.72 -8.88 12.90
C SER B 86 26.73 -8.73 14.05
N GLN B 87 25.44 -8.72 13.72
CA GLN B 87 24.40 -8.59 14.72
C GLN B 87 23.56 -9.87 14.78
N TYR B 88 23.57 -10.61 13.68
CA TYR B 88 22.81 -11.85 13.63
C TYR B 88 23.61 -12.95 12.96
N ASN B 89 23.93 -13.98 13.74
CA ASN B 89 24.69 -15.13 13.26
C ASN B 89 23.70 -16.08 12.57
N ARG B 90 22.46 -15.62 12.50
CA ARG B 90 21.36 -16.34 11.87
C ARG B 90 21.37 -16.00 10.37
N VAL B 91 21.98 -14.87 10.03
CA VAL B 91 22.06 -14.40 8.65
C VAL B 91 23.37 -14.83 7.98
N MET B 92 23.29 -15.87 7.15
CA MET B 92 24.47 -16.36 6.42
C MET B 92 25.02 -15.26 5.51
N GLU B 93 24.16 -14.75 4.63
CA GLU B 93 24.50 -13.72 3.66
C GLU B 93 23.57 -12.50 3.72
N THR B 94 24.15 -11.32 3.49
CA THR B 94 23.42 -10.06 3.50
C THR B 94 23.82 -9.19 2.31
N LYS B 95 22.93 -9.13 1.32
CA LYS B 95 23.19 -8.32 0.13
C LYS B 95 22.42 -7.02 0.30
N VAL B 96 23.08 -5.92 -0.04
CA VAL B 96 22.47 -4.61 0.08
C VAL B 96 22.49 -3.87 -1.25
N ARG B 97 21.31 -3.41 -1.66
CA ARG B 97 21.14 -2.66 -2.90
C ARG B 97 20.74 -1.25 -2.54
N ILE B 98 21.42 -0.28 -3.13
CA ILE B 98 21.07 1.08 -2.85
C ILE B 98 21.01 1.81 -4.17
N THR B 99 19.82 2.35 -4.46
CA THR B 99 19.56 3.06 -5.70
C THR B 99 19.44 4.54 -5.40
N LYS B 100 19.76 5.36 -6.38
CA LYS B 100 19.65 6.81 -6.25
C LYS B 100 19.07 7.26 -7.58
N GLU B 101 17.76 7.41 -7.63
CA GLU B 101 17.07 7.82 -8.85
C GLU B 101 17.03 9.34 -8.96
N ASN B 102 17.86 9.98 -8.16
CA ASN B 102 17.95 11.43 -8.08
C ASN B 102 19.39 11.99 -8.13
N PRO B 103 20.35 11.25 -8.73
CA PRO B 103 21.72 11.76 -8.78
C PRO B 103 21.89 13.00 -9.65
N PRO B 104 23.06 13.65 -9.55
CA PRO B 104 23.36 14.84 -10.34
C PRO B 104 23.90 14.36 -11.68
N ILE B 105 23.19 13.41 -12.29
CA ILE B 105 23.57 12.83 -13.58
C ILE B 105 22.62 13.26 -14.69
N PRO B 106 23.01 14.27 -15.48
CA PRO B 106 22.25 14.84 -16.59
C PRO B 106 21.69 13.81 -17.55
N GLY B 107 20.46 13.39 -17.31
CA GLY B 107 19.85 12.41 -18.17
C GLY B 107 18.56 11.82 -17.69
N HIS B 108 18.16 10.74 -18.34
CA HIS B 108 16.93 10.05 -18.00
C HIS B 108 17.21 8.58 -17.79
N TYR B 109 16.94 8.13 -16.57
CA TYR B 109 17.19 6.77 -16.14
C TYR B 109 16.31 6.51 -14.92
N ASP B 110 16.04 5.25 -14.65
CA ASP B 110 15.23 4.93 -13.49
C ASP B 110 16.10 4.84 -12.25
N GLY B 111 17.29 5.44 -12.30
CA GLY B 111 18.17 5.42 -11.15
C GLY B 111 19.49 4.67 -11.27
N VAL B 112 20.50 5.13 -10.53
CA VAL B 112 21.82 4.51 -10.51
C VAL B 112 22.09 3.96 -9.12
N GLY B 113 23.06 3.08 -9.02
CA GLY B 113 23.36 2.54 -7.71
C GLY B 113 24.32 1.37 -7.75
N ILE B 114 24.38 0.65 -6.62
CA ILE B 114 25.26 -0.50 -6.45
C ILE B 114 24.47 -1.61 -5.78
N GLU B 115 25.11 -2.74 -5.53
CA GLU B 115 24.43 -3.85 -4.89
C GLU B 115 25.49 -4.84 -4.43
N ILE B 116 25.75 -4.86 -3.13
CA ILE B 116 26.76 -5.74 -2.55
C ILE B 116 26.16 -7.04 -2.03
N VAL B 117 27.02 -8.03 -1.83
CA VAL B 117 26.62 -9.33 -1.30
C VAL B 117 27.74 -9.77 -0.34
N ARG B 118 27.39 -9.90 0.92
CA ARG B 118 28.35 -10.27 1.96
C ARG B 118 27.84 -11.46 2.77
N GLU B 119 28.69 -12.46 2.98
CA GLU B 119 28.30 -13.58 3.80
C GLU B 119 28.93 -13.34 5.16
N ASN B 120 28.79 -14.30 6.06
CA ASN B 120 29.36 -14.18 7.39
C ASN B 120 30.41 -15.26 7.58
N LYS B 121 31.44 -14.97 8.38
CA LYS B 121 32.49 -15.95 8.67
C LYS B 121 32.95 -15.84 10.13
N MET C 1 -7.28 33.07 -13.61
CA MET C 1 -6.37 32.78 -12.47
C MET C 1 -6.46 31.31 -12.09
N GLN C 2 -6.00 30.45 -12.99
CA GLN C 2 -6.04 29.00 -12.76
C GLN C 2 -4.66 28.50 -12.33
N ASP C 3 -3.75 29.43 -12.13
CA ASP C 3 -2.38 29.12 -11.71
C ASP C 3 -2.43 28.39 -10.37
N THR C 4 -1.48 27.48 -10.15
CA THR C 4 -1.45 26.70 -8.91
C THR C 4 -0.04 26.31 -8.48
N ILE C 5 0.11 26.04 -7.22
CA ILE C 5 1.29 25.59 -6.58
C ILE C 5 0.86 24.37 -5.81
N PHE C 6 1.44 23.19 -6.05
CA PHE C 6 0.99 22.00 -5.36
C PHE C 6 2.07 21.09 -4.79
N LEU C 7 1.63 20.19 -3.93
CA LEU C 7 2.47 19.20 -3.26
C LEU C 7 1.74 17.84 -3.34
N LYS C 8 1.60 17.28 -4.53
CA LYS C 8 0.91 16.00 -4.64
C LYS C 8 1.73 14.77 -4.21
N GLY C 9 1.12 13.92 -3.38
CA GLY C 9 1.79 12.71 -2.93
C GLY C 9 2.50 12.80 -1.60
N MET C 10 2.14 13.78 -0.77
CA MET C 10 2.79 13.93 0.51
C MET C 10 2.43 12.77 1.43
N ARG C 11 3.44 11.99 1.81
CA ARG C 11 3.26 10.83 2.67
C ARG C 11 3.86 11.04 4.07
N PHE C 12 3.02 10.90 5.08
CA PHE C 12 3.44 11.07 6.45
C PHE C 12 2.94 9.86 7.23
N TYR C 13 3.71 9.38 8.21
CA TYR C 13 3.31 8.24 9.01
C TYR C 13 2.84 8.68 10.39
N GLY C 14 1.53 8.86 10.54
CA GLY C 14 1.01 9.28 11.82
C GLY C 14 0.17 8.24 12.51
N TYR C 15 -0.23 8.56 13.74
CA TYR C 15 -1.06 7.71 14.58
C TYR C 15 -2.46 8.34 14.66
N HIS C 16 -2.97 8.88 13.56
CA HIS C 16 -4.27 9.49 13.58
C HIS C 16 -5.34 8.42 13.37
N GLY C 17 -6.60 8.77 13.61
CA GLY C 17 -7.68 7.81 13.45
C GLY C 17 -8.58 7.78 14.68
N ALA C 18 -9.87 7.54 14.46
CA ALA C 18 -10.82 7.51 15.57
C ALA C 18 -10.83 6.21 16.34
N LEU C 19 -9.95 5.29 15.97
CA LEU C 19 -9.89 4.03 16.71
C LEU C 19 -8.54 3.94 17.40
N SER C 20 -8.57 3.65 18.70
CA SER C 20 -7.35 3.55 19.48
C SER C 20 -6.33 2.58 18.86
N ALA C 21 -6.82 1.52 18.21
CA ALA C 21 -5.93 0.55 17.58
C ALA C 21 -5.07 1.25 16.54
N GLU C 22 -5.71 2.02 15.67
CA GLU C 22 -5.00 2.74 14.62
C GLU C 22 -4.18 3.87 15.27
N ASN C 23 -4.54 4.23 16.49
CA ASN C 23 -3.83 5.27 17.24
C ASN C 23 -2.57 4.68 17.87
N GLU C 24 -2.49 3.36 17.84
CA GLU C 24 -1.35 2.64 18.39
C GLU C 24 -0.40 2.19 17.29
N ILE C 25 -0.95 1.68 16.21
CA ILE C 25 -0.15 1.20 15.11
C ILE C 25 0.31 2.33 14.20
N GLY C 26 -0.61 3.23 13.88
CA GLY C 26 -0.29 4.33 12.99
C GLY C 26 -0.45 3.83 11.56
N GLN C 27 -0.13 4.67 10.60
CA GLN C 27 -0.27 4.26 9.20
C GLN C 27 0.22 5.37 8.30
N ILE C 28 0.68 5.00 7.10
CA ILE C 28 1.13 5.99 6.14
C ILE C 28 -0.10 6.76 5.69
N PHE C 29 -0.01 8.09 5.77
CA PHE C 29 -1.09 8.96 5.34
C PHE C 29 -0.54 9.59 4.07
N LYS C 30 -1.43 9.94 3.14
CA LYS C 30 -1.02 10.58 1.90
C LYS C 30 -1.83 11.86 1.74
N VAL C 31 -1.14 12.97 1.50
CA VAL C 31 -1.86 14.22 1.31
C VAL C 31 -1.38 15.01 0.11
N ASP C 32 -2.32 15.71 -0.51
CA ASP C 32 -2.05 16.58 -1.66
C ASP C 32 -2.69 17.92 -1.38
N VAL C 33 -1.91 18.98 -1.43
CA VAL C 33 -2.49 20.31 -1.24
C VAL C 33 -2.09 21.15 -2.45
N THR C 34 -3.08 21.71 -3.14
CA THR C 34 -2.78 22.54 -4.30
C THR C 34 -3.23 23.97 -4.05
N LEU C 35 -2.23 24.84 -3.92
CA LEU C 35 -2.45 26.23 -3.64
C LEU C 35 -2.85 27.06 -4.86
N LYS C 36 -3.80 27.96 -4.61
CA LYS C 36 -4.32 28.89 -5.61
C LYS C 36 -3.58 30.21 -5.40
N VAL C 37 -2.52 30.41 -6.18
CA VAL C 37 -1.69 31.61 -6.10
C VAL C 37 -1.59 32.24 -7.48
N ASP C 38 -1.04 33.44 -7.54
CA ASP C 38 -0.87 34.15 -8.80
C ASP C 38 0.61 34.22 -9.09
N LEU C 39 1.08 33.38 -10.00
CA LEU C 39 2.49 33.30 -10.35
C LEU C 39 2.87 34.22 -11.50
N SER C 40 2.28 35.41 -11.54
CA SER C 40 2.55 36.40 -12.58
C SER C 40 3.92 37.04 -12.47
N GLU C 41 4.14 37.74 -11.36
CA GLU C 41 5.39 38.42 -11.15
C GLU C 41 6.52 37.40 -10.98
N ALA C 42 6.25 36.36 -10.20
CA ALA C 42 7.27 35.35 -9.98
C ALA C 42 7.77 34.90 -11.33
N GLY C 43 6.84 34.82 -12.28
CA GLY C 43 7.15 34.40 -13.64
C GLY C 43 8.08 35.34 -14.38
N ARG C 44 7.82 36.64 -14.35
CA ARG C 44 8.73 37.57 -15.03
C ARG C 44 9.95 37.86 -14.16
N THR C 45 9.76 38.44 -12.98
CA THR C 45 10.88 38.77 -12.11
C THR C 45 11.76 37.59 -11.69
N ASP C 46 11.13 36.46 -11.38
CA ASP C 46 11.86 35.25 -10.97
C ASP C 46 12.30 35.33 -9.51
N ASN C 47 11.68 36.22 -8.75
CA ASN C 47 12.01 36.40 -7.33
C ASN C 47 11.05 35.63 -6.44
N VAL C 48 11.56 34.60 -5.78
CA VAL C 48 10.76 33.76 -4.88
C VAL C 48 9.82 34.56 -3.98
N ILE C 49 10.18 35.81 -3.69
CA ILE C 49 9.33 36.64 -2.85
C ILE C 49 8.02 36.97 -3.58
N ASP C 50 8.00 36.71 -4.88
CA ASP C 50 6.81 36.96 -5.71
C ASP C 50 6.02 35.67 -5.84
N THR C 51 6.19 34.78 -4.87
CA THR C 51 5.49 33.52 -4.89
C THR C 51 5.44 32.93 -3.49
N VAL C 52 5.13 31.63 -3.41
CA VAL C 52 5.01 30.94 -2.14
C VAL C 52 5.97 29.76 -2.14
N HIS C 53 6.97 29.78 -1.25
CA HIS C 53 7.94 28.69 -1.17
C HIS C 53 7.15 27.45 -0.80
N TYR C 54 7.07 26.49 -1.72
CA TYR C 54 6.32 25.28 -1.41
C TYR C 54 7.02 24.45 -0.34
N GLY C 55 8.34 24.58 -0.27
CA GLY C 55 9.12 23.85 0.72
C GLY C 55 8.70 24.27 2.13
N GLU C 56 8.33 25.54 2.27
CA GLU C 56 7.88 26.10 3.54
C GLU C 56 6.43 25.65 3.71
N VAL C 57 5.78 25.38 2.58
CA VAL C 57 4.39 24.91 2.57
C VAL C 57 4.37 23.46 3.05
N PHE C 58 5.38 22.70 2.63
CA PHE C 58 5.51 21.31 3.03
C PHE C 58 5.69 21.21 4.55
N GLU C 59 6.33 22.23 5.11
CA GLU C 59 6.58 22.27 6.55
C GLU C 59 5.27 22.28 7.32
N GLU C 60 4.45 23.27 7.00
CA GLU C 60 3.17 23.45 7.64
C GLU C 60 2.29 22.22 7.57
N VAL C 61 2.53 21.35 6.59
CA VAL C 61 1.76 20.11 6.47
C VAL C 61 2.48 19.03 7.27
N LYS C 62 3.80 19.09 7.28
CA LYS C 62 4.62 18.13 8.02
C LYS C 62 4.33 18.29 9.52
N SER C 63 4.35 19.54 10.00
CA SER C 63 4.10 19.81 11.41
C SER C 63 2.74 19.26 11.88
N ILE C 64 1.74 19.35 11.02
CA ILE C 64 0.37 18.87 11.31
C ILE C 64 0.21 17.35 11.31
N MET C 65 0.80 16.69 10.30
CA MET C 65 0.70 15.24 10.18
C MET C 65 1.68 14.53 11.11
N GLU C 66 2.90 15.07 11.19
CA GLU C 66 3.92 14.48 12.04
C GLU C 66 3.66 14.88 13.51
N GLY C 67 2.70 15.79 13.71
CA GLY C 67 2.36 16.26 15.05
C GLY C 67 1.60 15.32 15.96
N LYS C 68 0.78 15.89 16.84
CA LYS C 68 -0.02 15.11 17.80
C LYS C 68 -0.94 14.12 17.09
N ALA C 69 -1.61 13.28 17.88
CA ALA C 69 -2.55 12.30 17.37
C ALA C 69 -3.92 12.98 17.26
N VAL C 70 -4.68 12.62 16.22
CA VAL C 70 -5.99 13.21 16.02
C VAL C 70 -7.00 12.15 15.63
N ASN C 71 -8.26 12.55 15.51
CA ASN C 71 -9.32 11.60 15.18
C ASN C 71 -9.66 11.49 13.68
N LEU C 72 -10.13 12.59 13.09
CA LEU C 72 -10.54 12.57 11.69
C LEU C 72 -9.58 13.21 10.69
N LEU C 73 -9.62 12.71 9.45
CA LEU C 73 -8.81 13.24 8.38
C LEU C 73 -9.26 14.67 8.19
N GLU C 74 -10.54 14.91 8.45
CA GLU C 74 -11.10 16.24 8.33
C GLU C 74 -10.27 17.25 9.12
N HIS C 75 -9.97 16.92 10.37
CA HIS C 75 -9.20 17.85 11.19
C HIS C 75 -7.78 17.96 10.67
N LEU C 76 -7.18 16.81 10.39
CA LEU C 76 -5.82 16.79 9.85
C LEU C 76 -5.74 17.80 8.71
N ALA C 77 -6.80 17.86 7.92
CA ALA C 77 -6.85 18.78 6.79
C ALA C 77 -7.29 20.17 7.23
N GLU C 78 -8.01 20.23 8.35
CA GLU C 78 -8.51 21.49 8.92
C GLU C 78 -7.40 22.41 9.37
N ARG C 79 -6.38 21.85 9.99
CA ARG C 79 -5.30 22.68 10.44
C ARG C 79 -4.40 22.97 9.27
N ILE C 80 -4.34 22.02 8.33
CA ILE C 80 -3.54 22.20 7.13
C ILE C 80 -4.06 23.45 6.45
N ALA C 81 -5.36 23.44 6.17
CA ALA C 81 -6.03 24.57 5.55
C ALA C 81 -5.52 25.90 6.10
N ASN C 82 -6.13 26.36 7.20
CA ASN C 82 -5.77 27.64 7.80
C ASN C 82 -4.29 27.88 8.09
N ARG C 83 -3.58 26.85 8.51
CA ARG C 83 -2.16 26.95 8.79
C ARG C 83 -1.44 27.67 7.66
N ILE C 84 -1.86 27.35 6.44
CA ILE C 84 -1.29 27.96 5.25
C ILE C 84 -2.03 29.25 4.92
N ASN C 85 -3.36 29.19 5.04
CA ASN C 85 -4.21 30.34 4.76
C ASN C 85 -3.74 31.53 5.59
N SER C 86 -3.48 31.29 6.88
CA SER C 86 -3.05 32.36 7.76
C SER C 86 -1.59 32.78 7.56
N GLN C 87 -0.72 31.85 7.17
CA GLN C 87 0.68 32.19 7.01
C GLN C 87 1.07 32.86 5.69
N TYR C 88 0.30 32.64 4.63
CA TYR C 88 0.62 33.26 3.34
C TYR C 88 -0.50 34.05 2.64
N ASN C 89 -0.40 35.39 2.71
CA ASN C 89 -1.35 36.33 2.09
C ASN C 89 -1.27 36.14 0.57
N ARG C 90 -0.32 35.32 0.16
CA ARG C 90 -0.04 35.02 -1.24
C ARG C 90 -1.07 34.07 -1.84
N VAL C 91 -1.47 33.06 -1.07
CA VAL C 91 -2.44 32.08 -1.57
C VAL C 91 -3.88 32.49 -1.35
N MET C 92 -4.71 32.30 -2.37
CA MET C 92 -6.12 32.62 -2.29
C MET C 92 -6.91 31.44 -1.72
N GLU C 93 -6.55 30.23 -2.13
CA GLU C 93 -7.21 29.01 -1.64
C GLU C 93 -6.25 27.85 -1.37
N THR C 94 -6.57 27.07 -0.34
CA THR C 94 -5.80 25.89 0.06
C THR C 94 -6.69 24.67 -0.15
N LYS C 95 -6.33 23.85 -1.11
CA LYS C 95 -7.11 22.66 -1.42
C LYS C 95 -6.37 21.44 -0.87
N VAL C 96 -6.90 20.85 0.19
CA VAL C 96 -6.24 19.69 0.79
C VAL C 96 -6.98 18.38 0.57
N ARG C 97 -6.23 17.40 0.09
CA ARG C 97 -6.77 16.07 -0.19
C ARG C 97 -6.00 15.08 0.68
N ILE C 98 -6.71 14.32 1.50
CA ILE C 98 -6.07 13.34 2.37
C ILE C 98 -6.54 11.92 2.09
N THR C 99 -5.58 11.02 1.89
CA THR C 99 -5.92 9.62 1.63
C THR C 99 -5.33 8.63 2.63
N LYS C 100 -6.13 7.61 2.93
CA LYS C 100 -5.77 6.55 3.85
C LYS C 100 -5.80 5.28 3.02
N GLU C 101 -4.67 4.98 2.41
CA GLU C 101 -4.53 3.81 1.55
C GLU C 101 -4.83 2.49 2.21
N ASN C 102 -4.45 2.35 3.46
CA ASN C 102 -4.71 1.09 4.16
C ASN C 102 -5.40 1.30 5.49
N PRO C 103 -6.67 1.73 5.44
CA PRO C 103 -7.54 2.00 6.59
C PRO C 103 -7.93 0.72 7.33
N PRO C 104 -8.66 0.86 8.45
CA PRO C 104 -9.07 -0.32 9.21
C PRO C 104 -10.36 -0.95 8.70
N ILE C 105 -10.50 -1.02 7.37
CA ILE C 105 -11.69 -1.62 6.74
C ILE C 105 -11.26 -2.84 5.93
N PRO C 106 -11.93 -3.98 6.18
CA PRO C 106 -11.66 -5.24 5.50
C PRO C 106 -12.09 -5.24 4.04
N GLY C 107 -11.11 -5.22 3.13
CA GLY C 107 -11.42 -5.22 1.71
C GLY C 107 -10.30 -4.81 0.78
N HIS C 108 -10.57 -4.76 -0.52
CA HIS C 108 -9.57 -4.36 -1.54
C HIS C 108 -9.95 -3.05 -2.21
N TYR C 109 -9.15 -2.02 -1.99
CA TYR C 109 -9.43 -0.71 -2.53
C TYR C 109 -8.19 0.14 -2.72
N ASP C 110 -8.33 1.22 -3.48
CA ASP C 110 -7.22 2.13 -3.72
C ASP C 110 -6.85 2.79 -2.40
N GLY C 111 -7.82 3.52 -1.86
CA GLY C 111 -7.64 4.22 -0.62
C GLY C 111 -8.92 4.96 -0.32
N VAL C 112 -8.97 5.57 0.87
CA VAL C 112 -10.15 6.30 1.30
C VAL C 112 -9.70 7.63 1.86
N GLY C 113 -10.47 8.68 1.62
CA GLY C 113 -10.10 9.97 2.14
C GLY C 113 -11.15 11.05 1.95
N ILE C 114 -10.72 12.30 2.12
CA ILE C 114 -11.58 13.45 1.96
C ILE C 114 -10.75 14.57 1.36
N GLU C 115 -11.42 15.57 0.81
CA GLU C 115 -10.73 16.71 0.24
C GLU C 115 -11.53 17.94 0.52
N ILE C 116 -10.92 18.89 1.21
CA ILE C 116 -11.60 20.14 1.53
C ILE C 116 -10.98 21.28 0.73
N VAL C 117 -11.79 22.29 0.46
CA VAL C 117 -11.37 23.46 -0.30
C VAL C 117 -11.67 24.74 0.49
N ARG C 118 -10.62 25.37 1.00
CA ARG C 118 -10.78 26.58 1.79
C ARG C 118 -10.01 27.74 1.18
N GLU C 119 -10.62 28.92 1.13
CA GLU C 119 -9.92 30.08 0.59
C GLU C 119 -9.44 30.99 1.73
N ASN C 120 -9.18 32.25 1.41
CA ASN C 120 -8.71 33.17 2.43
C ASN C 120 -9.61 34.39 2.61
N LYS C 121 -9.66 34.90 3.85
CA LYS C 121 -10.48 36.07 4.17
C LYS C 121 -9.67 37.11 4.95
N MET D 1 -20.57 23.58 -1.28
CA MET D 1 -20.31 22.24 -0.67
C MET D 1 -19.77 21.28 -1.73
N GLN D 2 -18.46 21.32 -1.92
CA GLN D 2 -17.80 20.47 -2.90
C GLN D 2 -17.26 19.20 -2.24
N ASP D 3 -17.25 19.22 -0.91
CA ASP D 3 -16.79 18.09 -0.09
C ASP D 3 -17.27 16.74 -0.61
N THR D 4 -16.65 15.67 -0.04
CA THR D 4 -17.03 14.29 -0.39
C THR D 4 -16.28 13.28 0.48
N ILE D 5 -16.79 12.08 0.41
CA ILE D 5 -16.22 10.91 1.06
C ILE D 5 -16.03 9.96 -0.11
N PHE D 6 -14.80 9.73 -0.57
CA PHE D 6 -14.58 8.87 -1.71
C PHE D 6 -13.97 7.52 -1.33
N LEU D 7 -14.37 6.48 -2.06
CA LEU D 7 -13.88 5.12 -1.85
C LEU D 7 -13.44 4.58 -3.21
N LYS D 8 -12.16 4.80 -3.50
CA LYS D 8 -11.61 4.39 -4.76
C LYS D 8 -11.18 2.93 -4.91
N GLY D 9 -11.33 2.45 -6.13
CA GLY D 9 -10.93 1.11 -6.52
C GLY D 9 -11.27 -0.07 -5.65
N MET D 10 -12.48 -0.12 -5.16
CA MET D 10 -12.90 -1.26 -4.37
C MET D 10 -13.02 -2.43 -5.34
N ARG D 11 -12.23 -3.47 -5.15
CA ARG D 11 -12.30 -4.59 -6.06
C ARG D 11 -12.96 -5.81 -5.46
N PHE D 12 -14.06 -6.21 -6.11
CA PHE D 12 -14.86 -7.35 -5.67
C PHE D 12 -14.87 -8.40 -6.77
N TYR D 13 -14.74 -9.66 -6.39
CA TYR D 13 -14.77 -10.71 -7.37
C TYR D 13 -16.22 -11.13 -7.55
N GLY D 14 -16.89 -10.47 -8.49
CA GLY D 14 -18.29 -10.79 -8.75
C GLY D 14 -18.52 -11.76 -9.90
N TYR D 15 -19.68 -12.42 -9.89
CA TYR D 15 -20.06 -13.40 -10.91
C TYR D 15 -21.13 -12.80 -11.83
N HIS D 16 -21.24 -11.48 -11.79
CA HIS D 16 -22.21 -10.77 -12.60
C HIS D 16 -21.76 -10.65 -14.05
N GLY D 17 -22.64 -10.11 -14.90
CA GLY D 17 -22.34 -9.98 -16.32
C GLY D 17 -23.51 -10.48 -17.15
N ALA D 18 -23.59 -10.02 -18.39
CA ALA D 18 -24.67 -10.40 -19.30
C ALA D 18 -24.48 -11.76 -19.94
N LEU D 19 -23.32 -12.35 -19.73
CA LEU D 19 -23.03 -13.67 -20.29
C LEU D 19 -23.18 -14.75 -19.24
N SER D 20 -24.02 -15.74 -19.55
CA SER D 20 -24.25 -16.86 -18.65
C SER D 20 -22.94 -17.53 -18.25
N ALA D 21 -21.94 -17.45 -19.13
CA ALA D 21 -20.63 -18.03 -18.85
C ALA D 21 -20.01 -17.22 -17.71
N GLU D 22 -19.78 -15.93 -17.96
CA GLU D 22 -19.21 -15.02 -16.97
C GLU D 22 -19.63 -15.38 -15.54
N ASN D 23 -20.92 -15.65 -15.38
CA ASN D 23 -21.51 -15.98 -14.10
C ASN D 23 -21.00 -17.28 -13.50
N GLU D 24 -20.24 -18.04 -14.29
CA GLU D 24 -19.66 -19.31 -13.81
C GLU D 24 -18.17 -19.11 -13.56
N ILE D 25 -17.55 -18.28 -14.39
CA ILE D 25 -16.13 -17.95 -14.31
C ILE D 25 -15.88 -17.00 -13.15
N GLY D 26 -16.53 -15.83 -13.22
CA GLY D 26 -16.37 -14.82 -12.20
C GLY D 26 -15.27 -13.87 -12.66
N GLN D 27 -15.18 -12.71 -12.01
CA GLN D 27 -14.16 -11.74 -12.37
C GLN D 27 -14.21 -10.60 -11.37
N ILE D 28 -13.10 -9.86 -11.27
CA ILE D 28 -13.02 -8.72 -10.36
C ILE D 28 -13.83 -7.57 -10.93
N PHE D 29 -14.50 -6.84 -10.04
CA PHE D 29 -15.29 -5.66 -10.40
C PHE D 29 -14.69 -4.52 -9.58
N LYS D 30 -14.11 -3.54 -10.25
CA LYS D 30 -13.48 -2.42 -9.55
C LYS D 30 -14.48 -1.30 -9.40
N VAL D 31 -14.74 -0.90 -8.16
CA VAL D 31 -15.71 0.16 -7.92
C VAL D 31 -15.17 1.46 -7.35
N ASP D 32 -15.62 2.55 -7.92
CA ASP D 32 -15.23 3.88 -7.47
C ASP D 32 -16.44 4.46 -6.75
N VAL D 33 -16.23 5.21 -5.68
CA VAL D 33 -17.35 5.83 -4.99
C VAL D 33 -17.00 7.24 -4.57
N THR D 34 -18.00 8.11 -4.56
CA THR D 34 -17.79 9.52 -4.22
C THR D 34 -19.09 10.14 -3.71
N LEU D 35 -19.34 10.03 -2.41
CA LEU D 35 -20.55 10.59 -1.81
C LEU D 35 -20.31 12.03 -1.39
N LYS D 36 -21.17 12.94 -1.84
CA LYS D 36 -21.05 14.35 -1.47
C LYS D 36 -21.66 14.58 -0.11
N VAL D 37 -20.79 14.71 0.88
CA VAL D 37 -21.20 14.87 2.27
C VAL D 37 -20.67 16.18 2.86
N ASP D 38 -21.59 17.02 3.33
CA ASP D 38 -21.25 18.31 3.92
C ASP D 38 -20.43 18.06 5.17
N LEU D 39 -19.11 18.09 5.01
CA LEU D 39 -18.18 17.84 6.10
C LEU D 39 -17.74 19.14 6.79
N SER D 40 -18.72 19.95 7.19
CA SER D 40 -18.49 21.21 7.88
C SER D 40 -18.19 20.99 9.37
N GLU D 41 -19.19 20.52 10.12
CA GLU D 41 -18.98 20.27 11.53
C GLU D 41 -18.44 18.87 11.76
N ALA D 42 -18.22 18.13 10.68
CA ALA D 42 -17.67 16.79 10.78
C ALA D 42 -16.21 17.00 11.16
N GLY D 43 -15.61 18.01 10.54
CA GLY D 43 -14.24 18.33 10.82
C GLY D 43 -14.22 19.19 12.07
N ARG D 44 -15.27 19.99 12.25
CA ARG D 44 -15.37 20.88 13.39
C ARG D 44 -15.19 20.09 14.68
N THR D 45 -16.18 19.25 15.00
CA THR D 45 -16.15 18.43 16.21
C THR D 45 -15.00 17.43 16.19
N ASP D 46 -15.07 16.55 15.20
CA ASP D 46 -14.12 15.47 14.99
C ASP D 46 -14.84 14.20 15.49
N ASN D 47 -16.17 14.25 15.40
CA ASN D 47 -17.03 13.13 15.80
C ASN D 47 -17.61 12.53 14.54
N VAL D 48 -17.16 11.33 14.19
CA VAL D 48 -17.64 10.69 12.98
C VAL D 48 -19.17 10.65 12.90
N ILE D 49 -19.82 10.77 14.05
CA ILE D 49 -21.29 10.75 14.13
C ILE D 49 -21.85 11.95 13.39
N ASP D 50 -20.96 12.89 13.07
CA ASP D 50 -21.31 14.11 12.36
C ASP D 50 -20.80 13.95 10.93
N THR D 51 -20.79 12.71 10.44
CA THR D 51 -20.34 12.41 9.08
C THR D 51 -20.58 10.93 8.76
N VAL D 52 -20.21 10.52 7.53
CA VAL D 52 -20.40 9.15 7.10
C VAL D 52 -19.16 8.28 7.25
N HIS D 53 -19.29 7.17 7.98
CA HIS D 53 -18.15 6.26 8.13
C HIS D 53 -18.07 5.48 6.84
N TYR D 54 -17.05 5.79 6.05
CA TYR D 54 -16.86 5.11 4.78
C TYR D 54 -16.83 3.60 4.94
N GLY D 55 -16.24 3.14 6.04
CA GLY D 55 -16.17 1.72 6.28
C GLY D 55 -17.53 1.06 6.12
N GLU D 56 -18.55 1.64 6.74
CA GLU D 56 -19.89 1.08 6.65
C GLU D 56 -20.28 1.09 5.18
N VAL D 57 -20.01 2.22 4.54
CA VAL D 57 -20.31 2.36 3.12
C VAL D 57 -19.62 1.25 2.32
N PHE D 58 -18.38 0.94 2.67
CA PHE D 58 -17.64 -0.12 2.00
C PHE D 58 -18.40 -1.44 2.11
N GLU D 59 -18.62 -1.89 3.34
CA GLU D 59 -19.33 -3.13 3.63
C GLU D 59 -20.72 -3.20 3.02
N GLU D 60 -21.26 -2.04 2.68
CA GLU D 60 -22.59 -1.95 2.07
C GLU D 60 -22.47 -2.14 0.56
N VAL D 61 -21.32 -1.70 0.03
CA VAL D 61 -21.03 -1.85 -1.39
C VAL D 61 -20.69 -3.32 -1.56
N LYS D 62 -19.99 -3.86 -0.56
CA LYS D 62 -19.58 -5.26 -0.54
C LYS D 62 -20.78 -6.22 -0.60
N SER D 63 -21.78 -5.98 0.24
CA SER D 63 -22.95 -6.84 0.29
C SER D 63 -23.56 -6.95 -1.09
N ILE D 64 -23.48 -5.87 -1.85
CA ILE D 64 -24.02 -5.79 -3.22
C ILE D 64 -23.19 -6.66 -4.17
N MET D 65 -21.93 -6.28 -4.31
CA MET D 65 -21.03 -6.96 -5.19
C MET D 65 -20.86 -8.45 -4.89
N GLU D 66 -20.71 -8.84 -3.63
CA GLU D 66 -20.57 -10.27 -3.31
C GLU D 66 -21.93 -10.96 -3.26
N GLY D 67 -22.99 -10.25 -3.63
CA GLY D 67 -24.32 -10.82 -3.60
C GLY D 67 -24.54 -11.76 -4.77
N LYS D 68 -25.79 -12.05 -5.13
CA LYS D 68 -26.01 -12.94 -6.27
C LYS D 68 -25.90 -12.16 -7.57
N ALA D 69 -25.60 -12.87 -8.65
CA ALA D 69 -25.39 -12.28 -9.98
C ALA D 69 -26.54 -11.60 -10.72
N VAL D 70 -26.18 -10.56 -11.48
CA VAL D 70 -27.09 -9.82 -12.34
C VAL D 70 -26.34 -9.62 -13.65
N ASN D 71 -26.96 -9.02 -14.64
CA ASN D 71 -26.29 -8.86 -15.92
C ASN D 71 -25.53 -7.54 -16.14
N LEU D 72 -26.14 -6.41 -15.82
CA LEU D 72 -25.50 -5.11 -16.04
C LEU D 72 -24.71 -4.57 -14.85
N LEU D 73 -23.82 -3.63 -15.13
CA LEU D 73 -23.03 -2.99 -14.07
C LEU D 73 -23.97 -1.95 -13.49
N GLU D 74 -24.85 -1.46 -14.36
CA GLU D 74 -25.84 -0.46 -14.01
C GLU D 74 -26.77 -0.86 -12.86
N HIS D 75 -27.15 -2.13 -12.82
CA HIS D 75 -28.02 -2.62 -11.76
C HIS D 75 -27.20 -2.67 -10.46
N LEU D 76 -25.92 -3.04 -10.60
CA LEU D 76 -24.99 -3.12 -9.48
C LEU D 76 -24.74 -1.75 -8.89
N ALA D 77 -24.50 -0.76 -9.74
CA ALA D 77 -24.25 0.58 -9.28
C ALA D 77 -25.51 1.13 -8.64
N GLU D 78 -26.65 0.69 -9.13
CA GLU D 78 -27.91 1.18 -8.59
C GLU D 78 -28.30 0.55 -7.26
N ARG D 79 -28.08 -0.76 -7.13
CA ARG D 79 -28.37 -1.45 -5.88
C ARG D 79 -27.43 -0.86 -4.82
N ILE D 80 -26.31 -0.31 -5.27
CA ILE D 80 -25.33 0.32 -4.39
C ILE D 80 -25.78 1.76 -4.12
N ALA D 81 -25.93 2.56 -5.19
CA ALA D 81 -26.37 3.94 -5.05
C ALA D 81 -27.64 3.98 -4.18
N ASN D 82 -28.54 3.04 -4.40
CA ASN D 82 -29.79 2.97 -3.64
C ASN D 82 -29.51 2.71 -2.16
N ARG D 83 -28.59 1.80 -1.89
CA ARG D 83 -28.21 1.45 -0.54
C ARG D 83 -27.78 2.67 0.29
N ILE D 84 -26.85 3.44 -0.26
CA ILE D 84 -26.34 4.65 0.39
C ILE D 84 -27.43 5.69 0.54
N ASN D 85 -28.11 5.99 -0.56
CA ASN D 85 -29.19 6.98 -0.59
C ASN D 85 -30.24 6.72 0.47
N SER D 86 -30.47 5.44 0.73
CA SER D 86 -31.46 5.06 1.74
C SER D 86 -30.80 4.69 3.07
N GLN D 87 -29.69 5.33 3.42
CA GLN D 87 -29.06 5.05 4.72
C GLN D 87 -28.41 6.30 5.29
N TYR D 88 -28.04 7.25 4.44
CA TYR D 88 -27.37 8.42 4.98
C TYR D 88 -27.98 9.69 4.42
N ASN D 89 -28.73 10.38 5.26
CA ASN D 89 -29.27 11.67 4.92
C ASN D 89 -28.13 12.65 4.78
N ARG D 90 -27.01 12.21 5.34
CA ARG D 90 -25.77 12.96 5.32
C ARG D 90 -25.35 13.16 3.86
N VAL D 91 -25.50 12.10 3.07
CA VAL D 91 -25.14 12.10 1.66
C VAL D 91 -26.12 12.87 0.79
N MET D 92 -25.67 14.03 0.31
CA MET D 92 -26.50 14.89 -0.54
C MET D 92 -26.65 14.22 -1.89
N GLU D 93 -25.56 13.60 -2.35
CA GLU D 93 -25.52 12.94 -3.66
C GLU D 93 -24.54 11.76 -3.60
N THR D 94 -24.85 10.69 -4.31
CA THR D 94 -24.01 9.48 -4.36
C THR D 94 -23.40 9.43 -5.76
N LYS D 95 -22.32 8.66 -5.92
CA LYS D 95 -21.69 8.54 -7.23
C LYS D 95 -20.96 7.19 -7.35
N VAL D 96 -21.53 6.29 -8.13
CA VAL D 96 -20.95 4.97 -8.30
C VAL D 96 -20.40 4.79 -9.70
N ARG D 97 -19.30 4.05 -9.77
CA ARG D 97 -18.60 3.73 -11.00
C ARG D 97 -18.10 2.31 -10.83
N ILE D 98 -18.40 1.46 -11.80
CA ILE D 98 -18.00 0.06 -11.73
C ILE D 98 -17.23 -0.34 -12.99
N THR D 99 -15.93 -0.10 -12.99
CA THR D 99 -15.11 -0.43 -14.12
C THR D 99 -15.08 -1.93 -14.34
N LYS D 100 -14.74 -2.31 -15.56
CA LYS D 100 -14.66 -3.71 -15.95
C LYS D 100 -13.30 -3.89 -16.64
N GLU D 101 -12.35 -4.53 -15.97
CA GLU D 101 -11.03 -4.75 -16.54
C GLU D 101 -10.82 -6.14 -17.14
N ASN D 102 -11.81 -7.00 -17.02
CA ASN D 102 -11.73 -8.36 -17.55
C ASN D 102 -13.05 -8.90 -18.12
N PRO D 103 -13.69 -8.15 -19.04
CA PRO D 103 -14.94 -8.66 -19.59
C PRO D 103 -14.65 -9.41 -20.89
N PRO D 104 -15.62 -10.18 -21.40
CA PRO D 104 -15.39 -10.92 -22.64
C PRO D 104 -15.35 -9.99 -23.85
N ILE D 105 -14.19 -9.45 -24.16
CA ILE D 105 -14.02 -8.54 -25.30
C ILE D 105 -12.63 -8.67 -25.93
N PRO D 106 -12.54 -9.30 -27.11
CA PRO D 106 -11.27 -9.48 -27.80
C PRO D 106 -10.69 -8.12 -28.13
N GLY D 107 -9.84 -7.62 -27.24
CA GLY D 107 -9.25 -6.32 -27.47
C GLY D 107 -8.34 -5.88 -26.33
N HIS D 108 -7.61 -4.80 -26.56
CA HIS D 108 -6.71 -4.28 -25.56
C HIS D 108 -7.20 -2.93 -25.10
N TYR D 109 -7.39 -2.84 -23.79
CA TYR D 109 -7.91 -1.64 -23.15
C TYR D 109 -7.60 -1.77 -21.67
N ASP D 110 -7.67 -0.66 -20.96
CA ASP D 110 -7.42 -0.69 -19.53
C ASP D 110 -8.71 -1.05 -18.80
N GLY D 111 -9.77 -1.15 -19.58
CA GLY D 111 -11.06 -1.49 -19.03
C GLY D 111 -12.16 -0.66 -19.64
N VAL D 112 -13.39 -1.06 -19.34
CA VAL D 112 -14.58 -0.39 -19.80
C VAL D 112 -15.47 -0.27 -18.57
N GLY D 113 -16.45 0.60 -18.59
CA GLY D 113 -17.29 0.72 -17.41
C GLY D 113 -18.21 1.90 -17.40
N ILE D 114 -19.26 1.77 -16.60
CA ILE D 114 -20.27 2.80 -16.46
C ILE D 114 -20.07 3.51 -15.14
N GLU D 115 -20.67 4.68 -15.03
CA GLU D 115 -20.59 5.47 -13.81
C GLU D 115 -21.91 6.23 -13.70
N ILE D 116 -22.52 6.19 -12.52
CA ILE D 116 -23.78 6.88 -12.35
C ILE D 116 -23.64 7.87 -11.21
N VAL D 117 -24.57 8.81 -11.15
CA VAL D 117 -24.58 9.84 -10.13
C VAL D 117 -26.02 10.09 -9.70
N ARG D 118 -26.35 9.64 -8.50
CA ARG D 118 -27.69 9.77 -7.96
C ARG D 118 -27.67 10.70 -6.76
N GLU D 119 -28.78 11.39 -6.53
CA GLU D 119 -28.93 12.29 -5.41
C GLU D 119 -30.01 11.69 -4.50
N ASN D 120 -30.35 12.37 -3.41
CA ASN D 120 -31.37 11.83 -2.52
C ASN D 120 -32.71 12.48 -2.79
N LYS D 121 -33.78 11.72 -2.58
CA LYS D 121 -35.14 12.22 -2.78
C LYS D 121 -36.06 11.73 -1.66
#